data_5T09
#
_entry.id   5T09
#
_cell.length_a   64.865
_cell.length_b   64.865
_cell.length_c   96.380
_cell.angle_alpha   90.00
_cell.angle_beta   90.00
_cell.angle_gamma   120.00
#
_symmetry.space_group_name_H-M   'P 31 2 1'
#
loop_
_entity.id
_entity.type
_entity.pdbx_description
1 polymer 'Type III secretion system effector HopBA1'
2 non-polymer 'POTASSIUM ION'
3 non-polymer 'CHLORIDE ION'
4 water water
#
_entity_poly.entity_id   1
_entity_poly.type   'polypeptide(L)'
_entity_poly.pdbx_seq_one_letter_code
;(MSE)LNRISSSSPTSYVSSGSSSAGINPSINVRPPRGGPVDTLVGAASDNNLVYIGDEHGKLFIPKLITESAAKLKNAG
VDHLAVEFVKHSDGAAFREALSDGKSAVKHFLEASWGRHGDAWLDKVSEALCSAHRAGIYVSGIDRK(MSE)AIDQPKTP
(MSE)QKILY(MSE)KKRLALNVAWDAAATREASAVCANKSIVWGGAGHFSNSKTDGPKD(MSE)RPGLVISFDLTGRGS
SRINDADEHSHIVIAGEDN
;
_entity_poly.pdbx_strand_id   A
#
loop_
_chem_comp.id
_chem_comp.type
_chem_comp.name
_chem_comp.formula
CL non-polymer 'CHLORIDE ION' 'Cl -1'
K non-polymer 'POTASSIUM ION' 'K 1'
#
# COMPACT_ATOMS: atom_id res chain seq x y z
N ILE A 23 15.11 15.71 4.69
CA ILE A 23 14.64 14.39 4.31
C ILE A 23 15.55 13.80 3.24
N ASN A 24 15.57 12.47 3.15
CA ASN A 24 16.43 11.76 2.20
C ASN A 24 16.24 12.33 0.79
N PRO A 25 17.31 12.80 0.14
CA PRO A 25 17.15 13.39 -1.20
C PRO A 25 16.56 12.44 -2.24
N SER A 26 16.50 11.13 -1.97
CA SER A 26 15.82 10.22 -2.89
C SER A 26 14.30 10.33 -2.76
N ILE A 27 13.80 10.84 -1.65
CA ILE A 27 12.38 11.10 -1.47
C ILE A 27 12.11 12.50 -2.02
N ASN A 28 11.52 12.57 -3.21
CA ASN A 28 11.16 13.83 -3.83
C ASN A 28 9.70 14.14 -3.51
N VAL A 29 9.46 15.22 -2.78
CA VAL A 29 8.12 15.59 -2.33
C VAL A 29 7.68 16.78 -3.16
N ARG A 30 6.82 16.51 -4.16
CA ARG A 30 6.27 17.54 -5.03
C ARG A 30 4.87 17.91 -4.57
N PRO A 31 4.53 19.19 -4.45
CA PRO A 31 3.17 19.55 -4.00
C PRO A 31 2.11 18.88 -4.87
N PRO A 32 1.10 18.25 -4.25
CA PRO A 32 0.14 17.45 -5.02
C PRO A 32 -0.39 18.18 -6.25
N ARG A 33 -0.52 17.44 -7.35
CA ARG A 33 -0.91 18.00 -8.64
C ARG A 33 -2.43 17.89 -8.83
N GLY A 34 -3.17 18.52 -7.92
CA GLY A 34 -4.62 18.60 -8.04
C GLY A 34 -5.36 17.35 -7.61
N GLY A 35 -5.93 16.64 -8.58
CA GLY A 35 -6.81 15.52 -8.30
C GLY A 35 -6.15 14.40 -7.52
N PRO A 36 -6.95 13.41 -7.09
CA PRO A 36 -6.38 12.26 -6.39
C PRO A 36 -5.52 11.39 -7.29
N VAL A 37 -6.02 11.08 -8.49
CA VAL A 37 -5.24 10.28 -9.43
C VAL A 37 -3.98 11.04 -9.84
N ASP A 38 -4.13 12.31 -10.18
CA ASP A 38 -2.97 13.10 -10.60
C ASP A 38 -1.90 13.17 -9.52
N THR A 39 -2.32 13.24 -8.25
CA THR A 39 -1.35 13.31 -7.16
C THR A 39 -0.61 11.99 -7.00
N LEU A 40 -1.33 10.86 -7.04
CA LEU A 40 -0.69 9.57 -6.86
C LEU A 40 0.29 9.27 -7.98
N VAL A 41 -0.12 9.51 -9.23
CA VAL A 41 0.75 9.26 -10.37
C VAL A 41 1.97 10.19 -10.32
N GLY A 42 1.74 11.45 -9.94
CA GLY A 42 2.86 12.38 -9.85
C GLY A 42 3.86 11.97 -8.79
N ALA A 43 3.36 11.43 -7.67
CA ALA A 43 4.25 10.96 -6.62
C ALA A 43 5.07 9.76 -7.08
N ALA A 44 4.45 8.84 -7.82
CA ALA A 44 5.21 7.72 -8.37
C ALA A 44 6.16 8.19 -9.47
N SER A 45 5.77 9.20 -10.23
CA SER A 45 6.64 9.72 -11.28
C SER A 45 7.91 10.34 -10.71
N ASP A 46 7.83 10.87 -9.49
CA ASP A 46 8.97 11.57 -8.89
C ASP A 46 9.82 10.69 -7.98
N ASN A 47 9.40 9.46 -7.70
CA ASN A 47 10.12 8.60 -6.77
C ASN A 47 10.21 7.19 -7.32
N ASN A 48 11.31 6.51 -7.00
CA ASN A 48 11.46 5.10 -7.32
C ASN A 48 10.66 4.20 -6.38
N LEU A 49 10.26 4.70 -5.21
CA LEU A 49 9.53 3.90 -4.25
C LEU A 49 8.49 4.78 -3.55
N VAL A 50 7.24 4.32 -3.58
CA VAL A 50 6.13 5.00 -2.94
C VAL A 50 5.44 4.02 -2.02
N TYR A 51 5.10 4.47 -0.81
CA TYR A 51 4.31 3.68 0.13
C TYR A 51 2.91 4.26 0.20
N ILE A 52 1.91 3.40 0.02
CA ILE A 52 0.50 3.77 0.17
C ILE A 52 0.03 3.23 1.51
N GLY A 53 -0.21 4.14 2.46
CA GLY A 53 -0.66 3.74 3.78
C GLY A 53 -2.13 3.38 3.77
N ASP A 54 -2.43 2.09 3.88
CA ASP A 54 -3.81 1.65 3.79
C ASP A 54 -4.55 1.94 5.07
N GLU A 55 -5.82 2.28 4.94
CA GLU A 55 -6.79 2.26 6.03
C GLU A 55 -7.75 1.14 5.70
N HIS A 56 -7.61 0.02 6.38
CA HIS A 56 -8.37 -1.18 6.03
C HIS A 56 -9.87 -0.89 6.11
N GLY A 57 -10.59 -1.23 5.05
CA GLY A 57 -12.02 -1.07 5.01
C GLY A 57 -12.51 0.15 4.26
N LYS A 58 -11.61 1.09 3.94
CA LYS A 58 -12.01 2.34 3.29
C LYS A 58 -11.97 2.16 1.78
N LEU A 59 -13.13 2.32 1.15
CA LEU A 59 -13.27 2.03 -0.28
C LEU A 59 -12.44 2.98 -1.15
N PHE A 60 -12.24 4.22 -0.70
CA PHE A 60 -11.60 5.22 -1.55
C PHE A 60 -10.23 4.77 -2.02
N ILE A 61 -9.46 4.11 -1.16
CA ILE A 61 -8.05 3.83 -1.42
C ILE A 61 -7.92 2.78 -2.52
N PRO A 62 -8.55 1.61 -2.40
CA PRO A 62 -8.46 0.65 -3.52
C PRO A 62 -9.09 1.16 -4.80
N LYS A 63 -10.16 1.96 -4.71
CA LYS A 63 -10.72 2.57 -5.91
C LYS A 63 -9.72 3.49 -6.59
N LEU A 64 -8.99 4.27 -5.79
CA LEU A 64 -7.96 5.15 -6.34
C LEU A 64 -6.91 4.35 -7.11
N ILE A 65 -6.46 3.24 -6.54
CA ILE A 65 -5.43 2.44 -7.20
C ILE A 65 -5.97 1.87 -8.52
N THR A 66 -7.21 1.37 -8.50
CA THR A 66 -7.83 0.87 -9.73
C THR A 66 -7.79 1.92 -10.84
N GLU A 67 -8.18 3.15 -10.51
CA GLU A 67 -8.25 4.20 -11.52
C GLU A 67 -6.87 4.70 -11.94
N SER A 68 -5.84 4.46 -11.13
CA SER A 68 -4.49 4.93 -11.42
C SER A 68 -3.63 3.87 -12.10
N ALA A 69 -4.09 2.63 -12.19
CA ALA A 69 -3.24 1.51 -12.58
C ALA A 69 -2.52 1.79 -13.89
N ALA A 70 -3.27 1.99 -14.97
CA ALA A 70 -2.65 2.18 -16.28
C ALA A 70 -1.70 3.37 -16.27
N LYS A 71 -2.12 4.50 -15.69
CA LYS A 71 -1.27 5.68 -15.65
C LYS A 71 -0.02 5.42 -14.81
N LEU A 72 -0.16 4.69 -13.70
CA LEU A 72 1.02 4.35 -12.89
C LEU A 72 2.01 3.52 -13.69
N LYS A 73 1.52 2.53 -14.44
CA LYS A 73 2.40 1.75 -15.30
C LYS A 73 3.15 2.64 -16.26
N ASN A 74 2.44 3.57 -16.92
CA ASN A 74 3.09 4.47 -17.87
C ASN A 74 4.10 5.37 -17.19
N ALA A 75 3.88 5.71 -15.91
CA ALA A 75 4.82 6.53 -15.17
C ALA A 75 6.08 5.79 -14.79
N GLY A 76 6.13 4.47 -15.01
CA GLY A 76 7.29 3.66 -14.67
C GLY A 76 7.08 2.68 -13.55
N VAL A 77 5.87 2.56 -13.02
CA VAL A 77 5.59 1.62 -11.93
C VAL A 77 5.42 0.23 -12.56
N ASP A 78 6.36 -0.67 -12.26
CA ASP A 78 6.30 -2.03 -12.76
C ASP A 78 5.97 -3.05 -11.68
N HIS A 79 5.87 -2.64 -10.42
CA HIS A 79 5.74 -3.58 -9.31
C HIS A 79 4.84 -2.98 -8.24
N LEU A 80 3.88 -3.79 -7.77
CA LEU A 80 3.00 -3.42 -6.68
C LEU A 80 3.05 -4.52 -5.64
N ALA A 81 3.62 -4.23 -4.48
CA ALA A 81 3.81 -5.19 -3.40
C ALA A 81 2.81 -4.87 -2.30
N VAL A 82 1.99 -5.86 -1.92
CA VAL A 82 0.82 -5.60 -1.09
C VAL A 82 0.84 -6.47 0.16
N GLU A 83 0.37 -5.89 1.26
CA GLU A 83 0.24 -6.62 2.52
C GLU A 83 -0.80 -7.73 2.44
N PHE A 84 -1.77 -7.60 1.53
CA PHE A 84 -2.93 -8.49 1.55
C PHE A 84 -2.58 -9.92 1.16
N VAL A 85 -1.39 -10.15 0.62
CA VAL A 85 -0.94 -11.48 0.21
C VAL A 85 0.36 -11.79 0.94
N LYS A 86 0.44 -12.99 1.49
CA LYS A 86 1.67 -13.45 2.12
C LYS A 86 2.69 -13.80 1.04
N HIS A 87 3.93 -13.37 1.25
CA HIS A 87 4.96 -13.62 0.24
C HIS A 87 5.10 -15.10 -0.04
N SER A 88 4.83 -15.95 0.95
CA SER A 88 4.95 -17.39 0.79
C SER A 88 3.85 -17.98 -0.07
N ASP A 89 2.75 -17.25 -0.28
CA ASP A 89 1.65 -17.73 -1.10
C ASP A 89 1.72 -17.21 -2.54
N GLY A 90 2.90 -16.81 -2.99
CA GLY A 90 3.00 -16.13 -4.28
C GLY A 90 2.45 -16.96 -5.43
N ALA A 91 2.74 -18.26 -5.45
CA ALA A 91 2.30 -19.10 -6.56
C ALA A 91 0.78 -19.20 -6.60
N ALA A 92 0.15 -19.50 -5.48
CA ALA A 92 -1.30 -19.61 -5.44
C ALA A 92 -1.97 -18.30 -5.84
N PHE A 93 -1.40 -17.17 -5.39
CA PHE A 93 -2.01 -15.88 -5.68
C PHE A 93 -1.94 -15.55 -7.17
N ARG A 94 -0.80 -15.85 -7.81
CA ARG A 94 -0.67 -15.57 -9.23
C ARG A 94 -1.69 -16.34 -10.04
N GLU A 95 -2.07 -17.54 -9.59
CA GLU A 95 -3.13 -18.29 -10.26
C GLU A 95 -4.47 -17.58 -10.12
N ALA A 96 -4.80 -17.13 -8.91
CA ALA A 96 -6.03 -16.39 -8.70
C ALA A 96 -6.06 -15.13 -9.55
N LEU A 97 -4.93 -14.40 -9.59
CA LEU A 97 -4.86 -13.15 -10.33
C LEU A 97 -5.22 -13.34 -11.79
N SER A 98 -4.94 -14.52 -12.34
CA SER A 98 -5.32 -14.81 -13.73
C SER A 98 -6.77 -15.24 -13.86
N ASP A 99 -7.30 -15.96 -12.86
CA ASP A 99 -8.68 -16.40 -12.92
C ASP A 99 -9.65 -15.23 -12.86
N GLY A 100 -9.27 -14.13 -12.22
CA GLY A 100 -10.02 -12.90 -12.26
C GLY A 100 -10.40 -12.39 -10.89
N LYS A 101 -11.13 -11.28 -10.89
CA LYS A 101 -11.49 -10.61 -9.65
C LYS A 101 -12.17 -11.56 -8.67
N SER A 102 -13.05 -12.41 -9.17
CA SER A 102 -13.80 -13.31 -8.29
C SER A 102 -12.86 -14.28 -7.58
N ALA A 103 -11.82 -14.75 -8.29
CA ALA A 103 -10.87 -15.68 -7.69
C ALA A 103 -10.02 -14.99 -6.62
N VAL A 104 -9.58 -13.75 -6.89
CA VAL A 104 -8.74 -13.04 -5.93
C VAL A 104 -9.50 -12.82 -4.63
N LYS A 105 -10.77 -12.45 -4.72
CA LYS A 105 -11.57 -12.18 -3.52
C LYS A 105 -11.64 -13.42 -2.64
N HIS A 106 -11.96 -14.57 -3.23
CA HIS A 106 -12.02 -15.81 -2.46
C HIS A 106 -10.68 -16.15 -1.84
N PHE A 107 -9.58 -15.83 -2.53
CA PHE A 107 -8.25 -16.12 -1.99
C PHE A 107 -7.91 -15.21 -0.81
N LEU A 108 -8.38 -13.97 -0.83
CA LEU A 108 -8.07 -13.01 0.22
C LEU A 108 -9.03 -13.08 1.39
N GLU A 109 -10.18 -13.74 1.23
CA GLU A 109 -11.24 -13.65 2.21
C GLU A 109 -10.82 -14.20 3.56
N ALA A 110 -10.13 -15.36 3.56
CA ALA A 110 -9.76 -16.00 4.82
C ALA A 110 -9.04 -15.04 5.76
N SER A 111 -8.11 -14.24 5.23
CA SER A 111 -7.32 -13.35 6.06
C SER A 111 -7.82 -11.92 6.06
N TRP A 112 -8.57 -11.50 5.04
CA TRP A 112 -8.89 -10.08 4.86
C TRP A 112 -10.37 -9.79 4.68
N GLY A 113 -11.24 -10.79 4.59
CA GLY A 113 -12.66 -10.53 4.50
C GLY A 113 -13.22 -9.84 5.72
N ARG A 114 -12.54 -9.93 6.86
CA ARG A 114 -13.02 -9.32 8.09
C ARG A 114 -13.26 -7.83 7.94
N HIS A 115 -12.60 -7.17 6.98
CA HIS A 115 -12.69 -5.73 6.82
C HIS A 115 -13.74 -5.30 5.81
N GLY A 116 -14.62 -6.20 5.39
CA GLY A 116 -15.79 -5.77 4.62
C GLY A 116 -15.83 -6.39 3.25
N ASP A 117 -17.03 -6.88 2.87
CA ASP A 117 -17.18 -7.52 1.57
C ASP A 117 -16.93 -6.53 0.44
N ALA A 118 -17.56 -5.37 0.50
CA ALA A 118 -17.36 -4.36 -0.54
C ALA A 118 -15.90 -3.98 -0.66
N TRP A 119 -15.24 -3.70 0.47
CA TRP A 119 -13.84 -3.34 0.45
C TRP A 119 -12.99 -4.46 -0.14
N LEU A 120 -13.23 -5.70 0.30
CA LEU A 120 -12.48 -6.83 -0.25
C LEU A 120 -12.70 -6.93 -1.75
N ASP A 121 -13.92 -6.67 -2.21
CA ASP A 121 -14.19 -6.64 -3.65
C ASP A 121 -13.35 -5.57 -4.34
N LYS A 122 -13.32 -4.35 -3.76
CA LYS A 122 -12.56 -3.27 -4.37
C LYS A 122 -11.06 -3.54 -4.32
N VAL A 123 -10.58 -4.14 -3.22
CA VAL A 123 -9.17 -4.52 -3.15
C VAL A 123 -8.85 -5.51 -4.28
N SER A 124 -9.72 -6.51 -4.46
CA SER A 124 -9.50 -7.49 -5.51
C SER A 124 -9.50 -6.82 -6.89
N GLU A 125 -10.44 -5.90 -7.12
CA GLU A 125 -10.46 -5.19 -8.40
C GLU A 125 -9.16 -4.42 -8.61
N ALA A 126 -8.63 -3.81 -7.56
CA ALA A 126 -7.40 -3.02 -7.69
C ALA A 126 -6.22 -3.91 -8.04
N LEU A 127 -6.09 -5.06 -7.38
CA LEU A 127 -5.00 -5.98 -7.71
C LEU A 127 -5.13 -6.46 -9.15
N CYS A 128 -6.34 -6.85 -9.56
CA CYS A 128 -6.55 -7.28 -10.94
C CYS A 128 -6.26 -6.16 -11.92
N SER A 129 -6.73 -4.95 -11.64
CA SER A 129 -6.50 -3.83 -12.55
C SER A 129 -5.02 -3.52 -12.69
N ALA A 130 -4.26 -3.66 -11.60
CA ALA A 130 -2.82 -3.50 -11.68
C ALA A 130 -2.20 -4.60 -12.52
N HIS A 131 -2.60 -5.85 -12.27
CA HIS A 131 -2.06 -6.98 -13.01
C HIS A 131 -2.28 -6.81 -14.52
N ARG A 132 -3.53 -6.58 -14.92
CA ARG A 132 -3.82 -6.49 -16.35
C ARG A 132 -3.27 -5.20 -16.97
N ALA A 133 -2.82 -4.25 -16.17
CA ALA A 133 -2.13 -3.07 -16.68
C ALA A 133 -0.65 -3.33 -16.94
N GLY A 134 -0.16 -4.53 -16.68
CA GLY A 134 1.25 -4.85 -16.85
C GLY A 134 2.10 -4.70 -15.61
N ILE A 135 1.48 -4.55 -14.44
CA ILE A 135 2.21 -4.39 -13.18
C ILE A 135 2.27 -5.74 -12.48
N TYR A 136 3.46 -6.14 -12.06
CA TYR A 136 3.64 -7.37 -11.29
C TYR A 136 3.15 -7.14 -9.86
N VAL A 137 2.15 -7.93 -9.45
CA VAL A 137 1.57 -7.83 -8.11
C VAL A 137 2.09 -9.00 -7.28
N SER A 138 2.68 -8.69 -6.13
CA SER A 138 3.22 -9.72 -5.25
C SER A 138 2.86 -9.41 -3.82
N GLY A 139 3.08 -10.40 -2.95
CA GLY A 139 2.77 -10.28 -1.53
C GLY A 139 3.99 -9.99 -0.70
N ILE A 140 3.79 -9.27 0.40
CA ILE A 140 4.87 -8.94 1.33
C ILE A 140 4.66 -9.54 2.71
N ASP A 141 3.47 -10.04 3.01
CA ASP A 141 3.14 -10.32 4.40
C ASP A 141 3.74 -11.65 4.84
N ARG A 142 3.84 -11.81 6.16
CA ARG A 142 4.40 -13.00 6.78
C ARG A 142 3.51 -13.39 7.95
N LYS A 143 3.32 -14.69 8.14
CA LYS A 143 2.41 -15.16 9.17
C LYS A 143 2.88 -14.73 10.54
N MSE A 144 1.93 -14.28 11.37
CA MSE A 144 2.21 -13.92 12.75
C MSE A 144 0.91 -13.83 13.53
O MSE A 144 0.11 -12.93 13.33
CB MSE A 144 2.96 -12.59 12.84
CG MSE A 144 3.56 -12.32 14.20
SE MSE A 144 3.98 -10.44 14.48
CE MSE A 144 2.16 -9.75 14.50
H MSE A 144 1.12 -14.15 11.14
HA MSE A 144 2.77 -14.60 13.14
HB2 MSE A 144 3.68 -12.60 12.18
HB3 MSE A 144 2.34 -11.87 12.63
HG2 MSE A 144 2.93 -12.59 14.88
HG3 MSE A 144 4.38 -12.82 14.30
HE1 MSE A 144 2.20 -8.79 14.64
HE2 MSE A 144 1.75 -9.94 13.66
HE3 MSE A 144 1.67 -10.16 15.23
N ALA A 145 0.71 -14.78 14.44
CA ALA A 145 -0.49 -14.84 15.25
C ALA A 145 -0.31 -14.00 16.51
N ILE A 146 -1.29 -13.12 16.77
CA ILE A 146 -1.35 -12.35 18.01
C ILE A 146 -2.81 -12.24 18.41
N ASP A 147 -3.08 -12.33 19.71
CA ASP A 147 -4.44 -12.26 20.20
C ASP A 147 -5.01 -10.85 20.01
N GLN A 148 -6.31 -10.75 20.15
CA GLN A 148 -6.98 -9.46 20.03
C GLN A 148 -6.64 -8.59 21.24
N PRO A 149 -6.15 -7.36 21.05
CA PRO A 149 -5.77 -6.54 22.20
C PRO A 149 -7.00 -5.91 22.85
N LYS A 150 -7.08 -6.05 24.18
CA LYS A 150 -8.17 -5.46 24.95
C LYS A 150 -7.68 -4.39 25.92
N THR A 151 -6.64 -4.67 26.70
CA THR A 151 -6.14 -3.71 27.66
C THR A 151 -5.30 -2.64 26.97
N PRO A 152 -5.08 -1.50 27.62
CA PRO A 152 -4.25 -0.46 26.99
C PRO A 152 -2.87 -0.96 26.58
N MSE A 153 -2.21 -1.75 27.43
CA MSE A 153 -0.87 -2.23 27.12
C MSE A 153 -0.89 -3.25 25.98
O MSE A 153 0.01 -3.25 25.15
CB MSE A 153 -0.22 -2.82 28.37
CG MSE A 153 1.24 -3.21 28.18
SE MSE A 153 2.37 -1.72 27.54
CE MSE A 153 2.27 -0.60 29.12
H MSE A 153 -2.53 -2.01 28.18
HA MSE A 153 -0.33 -1.46 26.84
HB2 MSE A 153 -0.25 -2.17 29.09
HB3 MSE A 153 -0.70 -3.62 28.62
HG2 MSE A 153 1.60 -3.52 29.02
HG3 MSE A 153 1.30 -3.92 27.52
HE1 MSE A 153 2.80 0.21 28.97
HE2 MSE A 153 1.35 -0.36 29.29
HE3 MSE A 153 2.64 -1.08 29.88
N GLN A 154 -1.90 -4.12 25.96
CA GLN A 154 -2.01 -5.07 24.86
C GLN A 154 -2.14 -4.36 23.53
N LYS A 155 -2.96 -3.31 23.47
CA LYS A 155 -3.09 -2.53 22.23
C LYS A 155 -1.73 -1.99 21.79
N ILE A 156 -0.91 -1.55 22.76
CA ILE A 156 0.39 -0.99 22.41
C ILE A 156 1.33 -2.11 21.96
N LEU A 157 1.42 -3.18 22.75
CA LEU A 157 2.29 -4.29 22.39
C LEU A 157 1.90 -4.87 21.03
N TYR A 158 0.60 -5.00 20.78
CA TYR A 158 0.14 -5.55 19.50
C TYR A 158 0.72 -4.79 18.33
N MSE A 159 0.63 -3.46 18.36
CA MSE A 159 1.12 -2.65 17.25
C MSE A 159 2.64 -2.73 17.14
O MSE A 159 3.18 -2.82 16.04
CB MSE A 159 0.66 -1.20 17.41
CG MSE A 159 0.82 -0.34 16.16
SE MSE A 159 -0.08 -1.06 14.57
CE MSE A 159 -1.85 -1.40 15.33
H MSE A 159 0.30 -3.01 19.01
HA MSE A 159 0.73 -3.00 16.43
HB2 MSE A 159 -0.28 -1.19 17.66
HB3 MSE A 159 1.18 -0.79 18.12
HG2 MSE A 159 0.45 0.54 16.33
HG3 MSE A 159 1.77 -0.27 15.95
HE1 MSE A 159 -2.43 -1.77 14.64
HE2 MSE A 159 -1.75 -2.04 16.05
HE3 MSE A 159 -2.22 -0.57 15.66
N LYS A 160 3.33 -2.69 18.28
CA LYS A 160 4.78 -2.86 18.28
C LYS A 160 5.17 -4.20 17.66
N LYS A 161 4.46 -5.26 18.02
CA LYS A 161 4.76 -6.57 17.45
C LYS A 161 4.49 -6.60 15.95
N ARG A 162 3.37 -6.01 15.52
CA ARG A 162 3.07 -5.93 14.10
C ARG A 162 4.18 -5.20 13.34
N LEU A 163 4.67 -4.09 13.90
CA LEU A 163 5.70 -3.31 13.22
C LEU A 163 7.02 -4.06 13.13
N ALA A 164 7.22 -5.12 13.92
CA ALA A 164 8.43 -5.91 13.79
C ALA A 164 8.51 -6.59 12.43
N LEU A 165 7.40 -6.70 11.72
CA LEU A 165 7.37 -7.34 10.41
C LEU A 165 7.87 -6.44 9.30
N ASN A 166 8.08 -5.15 9.56
CA ASN A 166 8.50 -4.24 8.50
C ASN A 166 9.75 -4.73 7.80
N VAL A 167 10.70 -5.26 8.56
CA VAL A 167 11.95 -5.73 7.96
C VAL A 167 11.68 -6.86 6.98
N ALA A 168 10.67 -7.70 7.25
CA ALA A 168 10.36 -8.81 6.37
C ALA A 168 9.49 -8.37 5.20
N TRP A 169 8.54 -7.48 5.45
CA TRP A 169 7.81 -6.85 4.35
C TRP A 169 8.77 -6.25 3.34
N ASP A 170 9.79 -5.54 3.83
CA ASP A 170 10.74 -4.88 2.95
C ASP A 170 11.57 -5.89 2.17
N ALA A 171 11.99 -6.97 2.82
CA ALA A 171 12.78 -7.99 2.13
C ALA A 171 11.98 -8.63 1.00
N ALA A 172 10.69 -8.90 1.24
CA ALA A 172 9.85 -9.51 0.21
C ALA A 172 9.58 -8.55 -0.93
N ALA A 173 9.33 -7.27 -0.61
CA ALA A 173 9.06 -6.28 -1.66
C ALA A 173 10.31 -6.05 -2.51
N THR A 174 11.48 -6.05 -1.86
CA THR A 174 12.73 -5.91 -2.59
C THR A 174 12.96 -7.10 -3.52
N ARG A 175 12.86 -8.32 -2.99
CA ARG A 175 13.10 -9.52 -3.77
C ARG A 175 12.26 -9.52 -5.05
N GLU A 176 10.96 -9.22 -4.93
CA GLU A 176 10.08 -9.34 -6.07
C GLU A 176 10.24 -8.18 -7.05
N ALA A 177 10.57 -6.99 -6.57
CA ALA A 177 10.90 -5.90 -7.48
C ALA A 177 12.10 -6.27 -8.34
N SER A 178 13.16 -6.80 -7.71
CA SER A 178 14.34 -7.19 -8.47
C SER A 178 14.06 -8.34 -9.41
N ALA A 179 13.18 -9.27 -9.01
CA ALA A 179 12.92 -10.45 -9.81
C ALA A 179 12.32 -10.10 -11.18
N VAL A 180 11.75 -8.91 -11.32
CA VAL A 180 11.20 -8.46 -12.60
C VAL A 180 11.90 -7.19 -13.10
N CYS A 181 13.02 -6.82 -12.47
CA CYS A 181 13.79 -5.64 -12.90
C CYS A 181 12.90 -4.41 -12.95
N ALA A 182 12.20 -4.16 -11.84
CA ALA A 182 11.25 -3.07 -11.79
C ALA A 182 11.97 -1.72 -11.80
N ASN A 183 11.49 -0.80 -12.64
CA ASN A 183 11.94 0.58 -12.55
C ASN A 183 11.49 1.20 -11.22
N LYS A 184 10.18 1.31 -11.03
CA LYS A 184 9.60 1.85 -9.81
C LYS A 184 8.64 0.84 -9.21
N SER A 185 8.49 0.91 -7.88
CA SER A 185 7.62 0.01 -7.15
C SER A 185 6.76 0.80 -6.17
N ILE A 186 5.58 0.25 -5.87
CA ILE A 186 4.71 0.78 -4.83
C ILE A 186 4.51 -0.33 -3.81
N VAL A 187 4.62 0.02 -2.53
CA VAL A 187 4.32 -0.88 -1.42
C VAL A 187 3.03 -0.39 -0.77
N TRP A 188 2.04 -1.29 -0.69
CA TRP A 188 0.71 -0.96 -0.22
C TRP A 188 0.43 -1.81 1.02
N GLY A 189 0.31 -1.15 2.16
CA GLY A 189 0.11 -1.85 3.43
C GLY A 189 -0.42 -0.89 4.47
N GLY A 190 -0.77 -1.47 5.62
CA GLY A 190 -1.36 -0.70 6.70
C GLY A 190 -0.56 0.52 7.08
N ALA A 191 -1.23 1.67 7.15
CA ALA A 191 -0.56 2.94 7.38
C ALA A 191 0.21 2.95 8.71
N GLY A 192 -0.26 2.19 9.70
CA GLY A 192 0.45 2.12 10.97
C GLY A 192 1.89 1.68 10.81
N HIS A 193 2.21 0.92 9.76
CA HIS A 193 3.57 0.46 9.54
C HIS A 193 4.48 1.56 9.02
N PHE A 194 3.92 2.67 8.55
CA PHE A 194 4.68 3.72 7.90
C PHE A 194 4.76 5.00 8.74
N SER A 195 4.54 4.91 10.04
CA SER A 195 4.63 6.07 10.90
C SER A 195 6.08 6.52 11.03
N ASN A 196 6.26 7.76 11.49
CA ASN A 196 7.59 8.34 11.70
C ASN A 196 8.49 8.09 10.48
N SER A 197 7.95 8.36 9.30
CA SER A 197 8.62 8.05 8.04
C SER A 197 9.10 9.28 7.29
N LYS A 198 8.93 10.48 7.85
CA LYS A 198 9.23 11.69 7.10
C LYS A 198 10.71 11.73 6.70
N THR A 199 11.60 11.51 7.65
CA THR A 199 13.03 11.72 7.39
C THR A 199 13.58 10.66 6.46
N ASP A 200 13.29 9.38 6.73
CA ASP A 200 13.95 8.29 6.00
C ASP A 200 12.99 7.19 5.57
N GLY A 201 11.68 7.47 5.49
CA GLY A 201 10.72 6.46 5.14
C GLY A 201 10.41 5.56 6.31
N PRO A 202 9.61 4.51 6.08
CA PRO A 202 9.22 3.64 7.19
C PRO A 202 10.42 3.01 7.89
N LYS A 203 10.24 2.72 9.18
CA LYS A 203 11.31 2.12 9.95
C LYS A 203 11.58 0.70 9.46
N ASP A 204 12.85 0.33 9.38
CA ASP A 204 13.29 -0.98 8.89
C ASP A 204 12.87 -1.24 7.46
N MSE A 205 12.57 -0.20 6.68
CA MSE A 205 12.27 -0.37 5.26
C MSE A 205 13.04 0.66 4.44
O MSE A 205 13.58 1.62 4.98
CB MSE A 205 10.75 -0.23 5.02
CG MSE A 205 9.90 -1.06 5.98
SE MSE A 205 7.99 -1.05 5.55
CE MSE A 205 8.04 -2.28 4.04
H MSE A 205 12.55 0.61 6.95
HA MSE A 205 12.53 -1.25 4.98
HB2 MSE A 205 10.50 0.70 5.12
HB3 MSE A 205 10.56 -0.52 4.11
HG2 MSE A 205 10.20 -1.97 5.95
HG3 MSE A 205 10.00 -0.70 6.87
HE1 MSE A 205 7.13 -2.39 3.70
HE2 MSE A 205 8.61 -1.92 3.36
HE3 MSE A 205 8.38 -3.14 4.34
N ARG A 206 13.08 0.45 3.12
CA ARG A 206 13.85 1.33 2.26
C ARG A 206 13.21 2.72 2.20
N PRO A 207 14.02 3.78 2.05
CA PRO A 207 13.45 5.12 1.93
C PRO A 207 12.49 5.22 0.75
N GLY A 208 11.39 5.92 0.97
CA GLY A 208 10.42 6.11 -0.09
C GLY A 208 9.43 7.19 0.29
N LEU A 209 8.69 7.65 -0.71
CA LEU A 209 7.62 8.62 -0.50
C LEU A 209 6.41 7.90 0.11
N VAL A 210 5.97 8.36 1.28
CA VAL A 210 4.85 7.76 1.99
C VAL A 210 3.62 8.63 1.80
N ILE A 211 2.52 8.01 1.42
CA ILE A 211 1.25 8.68 1.21
C ILE A 211 0.28 8.29 2.32
N SER A 212 -0.44 9.27 2.85
CA SER A 212 -1.52 9.05 3.79
C SER A 212 -2.80 9.64 3.21
N PHE A 213 -3.92 9.38 3.88
CA PHE A 213 -5.22 9.77 3.37
C PHE A 213 -6.00 10.55 4.42
N ASP A 214 -6.58 11.66 3.99
CA ASP A 214 -7.51 12.47 4.78
C ASP A 214 -8.90 12.23 4.20
N LEU A 215 -9.69 11.38 4.86
CA LEU A 215 -11.02 11.04 4.41
C LEU A 215 -12.11 11.86 5.10
N THR A 216 -11.77 13.03 5.64
CA THR A 216 -12.75 13.88 6.30
C THR A 216 -13.58 14.69 5.32
N GLY A 217 -13.19 14.75 4.05
CA GLY A 217 -13.85 15.60 3.09
C GLY A 217 -13.61 17.08 3.28
N ARG A 218 -12.93 17.48 4.35
CA ARG A 218 -12.64 18.89 4.57
C ARG A 218 -11.45 19.34 3.72
N GLY A 219 -10.26 18.86 4.06
CA GLY A 219 -9.04 19.35 3.44
C GLY A 219 -8.90 18.93 1.99
N SER A 220 -7.78 19.35 1.42
CA SER A 220 -7.39 18.99 0.08
C SER A 220 -6.04 18.27 0.13
N SER A 221 -5.70 17.59 -0.96
CA SER A 221 -4.41 16.92 -1.04
C SER A 221 -3.30 17.92 -0.77
N ARG A 222 -2.31 17.51 0.03
CA ARG A 222 -1.35 18.47 0.56
C ARG A 222 -0.11 17.73 1.04
N ILE A 223 0.96 18.50 1.26
CA ILE A 223 2.12 18.00 1.99
C ILE A 223 1.75 17.91 3.46
N ASN A 224 2.23 16.86 4.12
CA ASN A 224 1.90 16.64 5.53
C ASN A 224 2.80 17.49 6.41
N ASP A 225 2.19 18.37 7.21
CA ASP A 225 2.91 19.16 8.19
C ASP A 225 2.41 18.97 9.61
N ALA A 226 1.34 18.19 9.81
CA ALA A 226 0.84 17.93 11.16
C ALA A 226 1.77 17.01 11.92
N ASP A 227 2.33 16.00 11.25
CA ASP A 227 3.19 15.02 11.89
C ASP A 227 4.16 14.48 10.86
N GLU A 228 4.98 13.51 11.27
CA GLU A 228 5.99 12.90 10.41
C GLU A 228 5.65 11.47 10.03
N HIS A 229 4.35 11.15 9.96
CA HIS A 229 3.91 9.80 9.62
C HIS A 229 3.67 9.62 8.13
N SER A 230 3.83 10.67 7.32
CA SER A 230 3.73 10.58 5.87
C SER A 230 4.32 11.87 5.30
N HIS A 231 4.56 11.85 3.99
CA HIS A 231 5.07 13.02 3.29
C HIS A 231 3.98 13.84 2.62
N ILE A 232 2.97 13.18 2.03
CA ILE A 232 1.85 13.89 1.42
C ILE A 232 0.56 13.21 1.82
N VAL A 233 -0.50 14.01 1.93
CA VAL A 233 -1.82 13.54 2.30
C VAL A 233 -2.74 13.72 1.09
N ILE A 234 -3.40 12.65 0.68
CA ILE A 234 -4.36 12.68 -0.41
C ILE A 234 -5.75 12.82 0.21
N ALA A 235 -6.48 13.84 -0.22
CA ALA A 235 -7.84 14.06 0.26
C ALA A 235 -8.79 13.08 -0.41
N GLY A 236 -9.60 12.39 0.39
CA GLY A 236 -10.53 11.42 -0.14
C GLY A 236 -11.89 11.45 0.54
N GLU A 237 -12.72 10.46 0.23
CA GLU A 237 -14.07 10.37 0.76
C GLU A 237 -14.17 9.17 1.69
N ASP A 238 -14.85 9.37 2.82
CA ASP A 238 -15.14 8.25 3.70
C ASP A 238 -16.25 7.39 3.07
N ASN A 239 -16.40 6.17 3.60
CA ASN A 239 -17.43 5.27 3.10
C ASN A 239 -18.82 5.91 3.21
K K B . 13.89 3.76 6.55
CL CL C . -13.03 -9.37 -13.36
CL CL D . 8.00 -15.60 2.96
CL CL E . -0.26 -9.89 26.09
CL CL F . -1.33 -3.62 11.60
#